data_9CES
#
_entry.id   9CES
#
loop_
_entity.id
_entity.type
_entity.pdbx_description
1 polymer "DNA (5'-D(P*CP*CP*CP*GP*GP*GP*GP*CP*CP*TP*TP*TP*AP*AP*G)-3')"
2 polymer 'Maltose/maltodextrin-binding periplasmic protein,Guillardia theta Fanzor1'
3 polymer "DNA (5'-D(P*AP*TP*GP*AP*CP*TP*TP*CP*TP*CP*TP*TP*AP*AP*AP*GP*GP*CP*CP*CP*CP*GP*GP*G)-3')"
4 polymer 'RNA (142-MER)'
5 non-polymer 'ZINC ION'
#
loop_
_entity_poly.entity_id
_entity_poly.type
_entity_poly.pdbx_seq_one_letter_code
_entity_poly.pdbx_strand_id
1 'polydeoxyribonucleotide' (DG)(DG)(DT)(DA)(DC)(DC)(DC)(DG)(DG)(DG)(DC)(DA)(DT)(DT)(DT)(DA)(DA)(DG) N
2 'polypeptide(L)'
;MKSSHHHHHHHHHHGSSMKIEEGKLVIWINGDKGYNGLAEVGKKFEKDTGIKVTVEHPDKLEEKFPQVAATGDGPDIIFW
AHDRFGGYAQSGLLAEITPDKAFQDKLYPFTWDAVRYNGKLIAYPIAVEALSLIYNKDLLPNPPKTWEEIPALDKELKAK
GKSALMFNLQEPYFTWPLIAADGGYAFKYENGKYDIKDVGVDNAGAKAGLTFLVDLIKNKHMNADTDYSIAEAAFNKGET
AMTINGPWAWSNIDTSKVNYGVTVLPTFKGQPSKPFVGVLSAGINAASPNKELAKEFLENYLLTDEGLEAVNKDKPLGAV
ALKSYEEELAKDPRIAATMENAQKGEIMPNIPQMSAFWYAVRTAVINAASGRQTVDEALKDAQTNSSSNNNNNNNNNNLG
IEENLYFQSNASNIRIVKRKAKGFFKCEDLVTIKDAVKAAHRIMSDASILVRSYYLRWFQSSYPLDSDDKELELEHFHIS
MACSIVQGITRPPVRGVGPEQSVKIDVFNDMLDEYKRLYERAPNDKENETDLSLSHVLAYSIDNLLTAYKNNIEAHFSKY
VKRFIRCDMLAKGFNKSEANRVAAIYTNAYIYDSSLDLEPDFMERLGLEATSYSSLFPSKINKGGFPRVYDLKANPWVYL
PKMVMINQALETDFSSVEHKERRLLNPLPFYSSFVPMHIRIDTSGLSQLLMTKDRLDDFKRSYLAEFGVSLNIKNKGDML
ASFEKIFGRKATSNREAGLYATEMWSFLTNLKTCRQWKELDGVVRKNDPKGTQWMFDNAVVTDGVSISFQVIDNSMFGRK
AFSGRKKRVACQEANDEEDSKQVTREELKTSKLLGCDPGKRDILAITDGIKTICYTKGQRDMDTHKTIRLRTSLKRRRGC
GLEEYETQVMNRFQKRSCHPEMFRRYACSRKRMEHMLLECYSHPVFREFKFLVYNKTKSSEHRFMHRVLETFKRPQTNLS
KARCASGVMRMNALKEVQRHGDIIIGWGNWGKNPNALRCSAGPTPGIGIRRRFESLFKTTTVPEHYTSQECPSCKGRCLR
KATGNPIMRHHLLRCTNDSCCSRWWNRNVAGAFNILTRLLDGQTLSGNETTGDGLGGDDL
;
P
3 'polydeoxyribonucleotide'
;(DG)(DA)(DG)(DA)(DA)(DC)(DA)(DT)(DT)(DG)(DA)(DC)(DA)(DG)(DA)(DG)(DT)(DA)(DG)(DA)
(DG)(DT)(DT)(DT)(DA)(DA)(DT)(DG)(DC)(DC)(DT)(DT)(DA)(DA)(DA)(DT)(DG)(DC)(DC)(DC)
(DG)(DG)(DG)(DT)(DA)(DC)(DC)
;
T
4 'polyribonucleotide'
;CACUAUCCGGUAACGAAACUACCGGAGACGGGUUAGGAGGUGACGACCUCUAAAACCUAGAACUUAGAGUGCAAAAACGC
CAUUACGAUUGUGAUGCCUAUUCAAGGGUGUCCCAAGUGUAAAAAGAAAGCACUCUAAGAGCAUUAAACUCUACU
;
W
#
loop_
_chem_comp.id
_chem_comp.type
_chem_comp.name
_chem_comp.formula
A RNA linking ADENOSINE-5'-MONOPHOSPHATE 'C10 H14 N5 O7 P'
C RNA linking CYTIDINE-5'-MONOPHOSPHATE 'C9 H14 N3 O8 P'
DA DNA linking 2'-DEOXYADENOSINE-5'-MONOPHOSPHATE 'C10 H14 N5 O6 P'
DC DNA linking 2'-DEOXYCYTIDINE-5'-MONOPHOSPHATE 'C9 H14 N3 O7 P'
DG DNA linking 2'-DEOXYGUANOSINE-5'-MONOPHOSPHATE 'C10 H14 N5 O7 P'
DT DNA linking THYMIDINE-5'-MONOPHOSPHATE 'C10 H15 N2 O8 P'
G RNA linking GUANOSINE-5'-MONOPHOSPHATE 'C10 H14 N5 O8 P'
U RNA linking URIDINE-5'-MONOPHOSPHATE 'C9 H13 N2 O9 P'
ZN non-polymer 'ZINC ION' 'Zn 2'
#
# COMPACT_ATOMS: atom_id res chain seq x y z
N SER B 412 1.16 -1.47 -17.28
CA SER B 412 0.34 -1.27 -18.51
C SER B 412 0.14 0.22 -18.78
N ASN B 413 -0.54 0.53 -19.88
CA ASN B 413 -0.78 1.92 -20.27
C ASN B 413 -2.01 2.47 -19.54
N ILE B 414 -1.97 2.46 -18.21
CA ILE B 414 -3.06 2.96 -17.38
C ILE B 414 -2.47 3.96 -16.39
N ARG B 415 -3.07 5.14 -16.32
CA ARG B 415 -2.61 6.20 -15.42
C ARG B 415 -3.81 6.86 -14.77
N ILE B 416 -3.56 7.51 -13.64
CA ILE B 416 -4.61 8.04 -12.77
C ILE B 416 -4.47 9.56 -12.67
N VAL B 417 -5.61 10.23 -12.56
CA VAL B 417 -5.66 11.66 -12.26
C VAL B 417 -6.49 11.82 -10.98
N LYS B 418 -5.85 12.33 -9.93
CA LYS B 418 -6.47 12.41 -8.61
C LYS B 418 -6.91 13.85 -8.36
N ARG B 419 -8.21 14.04 -8.12
CA ARG B 419 -8.77 15.35 -7.87
C ARG B 419 -9.90 15.20 -6.86
N LYS B 420 -10.50 16.33 -6.48
CA LYS B 420 -11.63 16.32 -5.57
C LYS B 420 -12.91 15.93 -6.31
N ALA B 421 -13.84 15.34 -5.56
CA ALA B 421 -15.06 14.78 -6.14
C ALA B 421 -16.19 15.78 -6.25
N LYS B 422 -16.03 17.00 -5.75
CA LYS B 422 -17.11 17.99 -5.82
C LYS B 422 -17.46 18.29 -7.26
N GLY B 423 -18.76 18.21 -7.57
CA GLY B 423 -19.27 18.56 -8.88
C GLY B 423 -19.31 17.42 -9.87
N PHE B 424 -18.59 16.32 -9.63
CA PHE B 424 -18.59 15.22 -10.59
C PHE B 424 -19.93 14.52 -10.61
N PHE B 425 -20.37 13.98 -9.47
CA PHE B 425 -21.68 13.37 -9.36
C PHE B 425 -22.74 14.43 -9.08
N LYS B 426 -23.92 14.23 -9.64
CA LYS B 426 -25.02 15.14 -9.38
C LYS B 426 -25.46 15.05 -7.93
N CYS B 427 -26.03 16.14 -7.43
CA CYS B 427 -26.40 16.20 -6.00
C CYS B 427 -27.38 15.10 -5.65
N GLU B 428 -28.39 14.89 -6.49
CA GLU B 428 -29.37 13.83 -6.21
C GLU B 428 -28.74 12.45 -6.23
N ASP B 429 -27.58 12.29 -6.88
CA ASP B 429 -26.89 11.01 -6.93
C ASP B 429 -25.75 10.91 -5.93
N LEU B 430 -25.25 12.04 -5.44
CA LEU B 430 -24.12 12.00 -4.50
C LEU B 430 -24.52 11.34 -3.18
N VAL B 431 -25.79 11.44 -2.81
CA VAL B 431 -26.26 10.83 -1.55
C VAL B 431 -26.05 9.32 -1.60
N THR B 432 -26.40 8.69 -2.72
CA THR B 432 -26.25 7.25 -2.85
C THR B 432 -24.79 6.84 -2.75
N ILE B 433 -23.89 7.61 -3.37
CA ILE B 433 -22.48 7.26 -3.36
C ILE B 433 -21.94 7.26 -1.93
N LYS B 434 -22.28 8.29 -1.16
CA LYS B 434 -21.80 8.37 0.22
C LYS B 434 -22.31 7.20 1.05
N ASP B 435 -23.59 6.86 0.88
CA ASP B 435 -24.15 5.72 1.60
C ASP B 435 -23.46 4.42 1.18
N ALA B 436 -23.16 4.28 -0.11
CA ALA B 436 -22.52 3.06 -0.58
C ALA B 436 -21.15 2.87 0.06
N VAL B 437 -20.39 3.96 0.20
CA VAL B 437 -19.05 3.85 0.78
C VAL B 437 -19.13 3.31 2.21
N LYS B 438 -20.05 3.85 3.01
CA LYS B 438 -20.22 3.35 4.38
C LYS B 438 -20.70 1.90 4.37
N ALA B 439 -21.68 1.59 3.52
CA ALA B 439 -22.24 0.24 3.49
C ALA B 439 -21.18 -0.78 3.08
N ALA B 440 -20.38 -0.45 2.06
CA ALA B 440 -19.35 -1.37 1.59
C ALA B 440 -18.31 -1.62 2.67
N HIS B 441 -17.89 -0.57 3.38
CA HIS B 441 -16.87 -0.73 4.40
C HIS B 441 -17.34 -1.65 5.52
N ARG B 442 -18.59 -1.50 5.95
CA ARG B 442 -19.10 -2.31 7.04
C ARG B 442 -19.13 -3.78 6.67
N ILE B 443 -19.56 -4.09 5.44
CA ILE B 443 -19.69 -5.48 5.01
C ILE B 443 -18.31 -6.14 4.94
N MET B 444 -17.37 -5.47 4.28
CA MET B 444 -16.04 -6.05 4.12
C MET B 444 -15.30 -6.14 5.45
N SER B 445 -15.41 -5.10 6.28
CA SER B 445 -14.69 -5.10 7.56
C SER B 445 -15.14 -6.26 8.44
N ASP B 446 -16.45 -6.47 8.54
CA ASP B 446 -16.96 -7.59 9.33
C ASP B 446 -16.73 -8.92 8.62
N ALA B 447 -16.87 -8.93 7.30
CA ALA B 447 -16.66 -10.18 6.55
C ALA B 447 -15.23 -10.66 6.68
N SER B 448 -14.25 -9.75 6.67
CA SER B 448 -12.86 -10.16 6.77
C SER B 448 -12.58 -10.85 8.10
N ILE B 449 -13.13 -10.33 9.20
CA ILE B 449 -12.93 -10.97 10.50
C ILE B 449 -13.53 -12.36 10.52
N LEU B 450 -14.74 -12.52 9.96
CA LEU B 450 -15.39 -13.82 9.95
C LEU B 450 -14.57 -14.85 9.19
N VAL B 451 -14.02 -14.45 8.04
CA VAL B 451 -13.21 -15.37 7.25
C VAL B 451 -11.97 -15.79 8.03
N ARG B 452 -11.31 -14.84 8.69
CA ARG B 452 -10.12 -15.15 9.46
C ARG B 452 -10.43 -16.12 10.60
N SER B 453 -11.56 -15.90 11.28
CA SER B 453 -11.92 -16.77 12.39
C SER B 453 -12.14 -18.21 11.92
N TYR B 454 -12.79 -18.37 10.76
CA TYR B 454 -13.05 -19.71 10.26
C TYR B 454 -11.76 -20.46 9.94
N TYR B 455 -10.76 -19.75 9.39
CA TYR B 455 -9.52 -20.42 9.01
C TYR B 455 -8.82 -21.01 10.23
N LEU B 456 -8.76 -20.26 11.33
CA LEU B 456 -8.11 -20.76 12.54
C LEU B 456 -8.87 -21.95 13.15
N ARG B 457 -10.19 -22.01 12.96
CA ARG B 457 -10.93 -23.19 13.39
C ARG B 457 -10.45 -24.43 12.67
N TRP B 458 -10.23 -24.31 11.35
CA TRP B 458 -9.71 -25.43 10.57
C TRP B 458 -8.22 -25.63 10.81
N PHE B 459 -7.54 -24.61 11.34
CA PHE B 459 -6.09 -24.68 11.48
C PHE B 459 -5.67 -25.83 12.39
N GLN B 460 -6.38 -26.02 13.50
CA GLN B 460 -6.08 -27.11 14.43
C GLN B 460 -6.52 -28.46 13.91
N SER B 461 -7.09 -28.53 12.70
CA SER B 461 -7.51 -29.81 12.16
C SER B 461 -6.32 -30.72 11.88
N SER B 462 -5.20 -30.15 11.43
CA SER B 462 -4.05 -30.98 11.04
C SER B 462 -2.78 -30.15 11.11
N TYR B 463 -1.88 -30.50 12.03
CA TYR B 463 -0.51 -30.03 12.02
C TYR B 463 0.29 -31.02 12.86
N PRO B 464 1.39 -31.60 12.32
CA PRO B 464 1.98 -31.39 10.99
C PRO B 464 1.03 -31.84 9.87
N LEU B 465 1.15 -31.23 8.69
CA LEU B 465 0.19 -31.46 7.63
C LEU B 465 0.14 -32.95 7.26
N ASP B 466 -1.08 -33.47 7.15
CA ASP B 466 -1.27 -34.85 6.75
C ASP B 466 -1.13 -34.99 5.24
N SER B 467 -0.70 -36.19 4.81
CA SER B 467 -0.49 -36.44 3.40
C SER B 467 -1.71 -37.04 2.71
N ASP B 468 -2.80 -37.28 3.45
CA ASP B 468 -3.99 -37.92 2.91
C ASP B 468 -5.13 -36.95 2.64
N ASP B 469 -4.91 -35.65 2.77
CA ASP B 469 -5.97 -34.68 2.55
C ASP B 469 -5.36 -33.38 2.03
N LYS B 470 -6.19 -32.60 1.34
CA LYS B 470 -5.76 -31.32 0.80
C LYS B 470 -5.99 -30.20 1.80
N GLU B 471 -5.17 -29.15 1.69
CA GLU B 471 -5.31 -28.00 2.57
C GLU B 471 -6.49 -27.15 2.15
N LEU B 472 -6.91 -26.27 3.05
CA LEU B 472 -8.01 -25.36 2.78
C LEU B 472 -7.51 -24.19 1.94
N GLU B 473 -8.05 -24.05 0.74
CA GLU B 473 -7.70 -22.96 -0.17
C GLU B 473 -8.91 -22.07 -0.35
N LEU B 474 -8.75 -20.78 -0.07
CA LEU B 474 -9.85 -19.83 -0.18
C LEU B 474 -10.06 -19.43 -1.64
N GLU B 475 -11.30 -19.11 -1.98
CA GLU B 475 -11.66 -18.67 -3.31
C GLU B 475 -12.74 -17.59 -3.19
N HIS B 476 -13.27 -17.18 -4.34
CA HIS B 476 -14.25 -16.11 -4.35
C HIS B 476 -15.51 -16.49 -3.57
N PHE B 477 -15.99 -17.72 -3.76
CA PHE B 477 -17.22 -18.13 -3.11
C PHE B 477 -17.08 -18.18 -1.60
N HIS B 478 -15.88 -18.47 -1.10
CA HIS B 478 -15.65 -18.45 0.34
C HIS B 478 -15.96 -17.07 0.92
N ILE B 479 -15.37 -16.02 0.35
CA ILE B 479 -15.61 -14.67 0.83
C ILE B 479 -17.03 -14.23 0.51
N SER B 480 -17.55 -14.62 -0.67
CA SER B 480 -18.91 -14.25 -1.02
C SER B 480 -19.91 -14.80 -0.02
N MET B 481 -19.72 -16.05 0.40
CA MET B 481 -20.59 -16.61 1.44
C MET B 481 -20.43 -15.84 2.75
N ALA B 482 -19.21 -15.44 3.08
CA ALA B 482 -18.99 -14.67 4.30
C ALA B 482 -19.76 -13.36 4.27
N CYS B 483 -19.75 -12.68 3.11
CA CYS B 483 -20.52 -11.45 2.99
C CYS B 483 -22.01 -11.72 3.14
N SER B 484 -22.49 -12.83 2.57
CA SER B 484 -23.90 -13.18 2.70
C SER B 484 -24.28 -13.41 4.16
N ILE B 485 -23.42 -14.12 4.90
CA ILE B 485 -23.70 -14.39 6.31
C ILE B 485 -23.75 -13.09 7.10
N VAL B 486 -22.81 -12.19 6.84
CA VAL B 486 -22.77 -10.92 7.57
C VAL B 486 -24.04 -10.13 7.32
N GLN B 487 -24.58 -10.18 6.11
CA GLN B 487 -25.80 -9.45 5.77
C GLN B 487 -27.07 -10.18 6.21
N GLY B 488 -26.95 -11.38 6.77
CA GLY B 488 -28.10 -12.09 7.28
C GLY B 488 -28.76 -13.05 6.31
N ILE B 489 -28.11 -13.38 5.20
CA ILE B 489 -28.65 -14.31 4.22
C ILE B 489 -28.24 -15.71 4.64
N THR B 490 -29.15 -16.46 5.27
CA THR B 490 -28.87 -17.78 5.78
C THR B 490 -29.20 -18.89 4.79
N ARG B 491 -29.76 -18.57 3.62
CA ARG B 491 -30.10 -19.59 2.64
C ARG B 491 -28.91 -19.86 1.74
N PRO B 492 -28.65 -21.11 1.34
CA PRO B 492 -27.50 -21.39 0.48
C PRO B 492 -27.59 -20.60 -0.82
N PRO B 493 -26.47 -20.08 -1.33
CA PRO B 493 -26.51 -19.30 -2.58
C PRO B 493 -26.45 -20.15 -3.83
N VAL B 494 -26.40 -21.48 -3.71
CA VAL B 494 -26.23 -22.32 -4.89
C VAL B 494 -27.41 -22.15 -5.82
N ARG B 495 -27.13 -21.93 -7.10
CA ARG B 495 -28.17 -21.89 -8.12
C ARG B 495 -28.40 -23.29 -8.66
N GLY B 496 -29.66 -23.75 -8.62
CA GLY B 496 -29.93 -25.10 -9.05
C GLY B 496 -29.38 -26.12 -8.06
N VAL B 497 -29.22 -27.34 -8.55
CA VAL B 497 -28.72 -28.45 -7.75
C VAL B 497 -27.78 -29.29 -8.61
N GLY B 498 -26.75 -29.85 -7.97
CA GLY B 498 -25.82 -30.73 -8.63
C GLY B 498 -24.81 -31.30 -7.67
N PRO B 499 -24.30 -32.50 -7.96
CA PRO B 499 -23.29 -33.10 -7.06
C PRO B 499 -22.06 -32.21 -6.88
N GLU B 500 -21.62 -31.52 -7.93
CA GLU B 500 -20.47 -30.64 -7.79
C GLU B 500 -20.77 -29.41 -6.94
N GLN B 501 -22.03 -28.98 -6.89
CA GLN B 501 -22.39 -27.82 -6.09
C GLN B 501 -22.64 -28.18 -4.63
N SER B 502 -22.70 -29.48 -4.31
CA SER B 502 -23.01 -29.88 -2.93
C SER B 502 -21.95 -29.39 -1.96
N VAL B 503 -20.70 -29.27 -2.41
CA VAL B 503 -19.63 -28.82 -1.52
C VAL B 503 -19.90 -27.42 -0.99
N LYS B 504 -20.55 -26.58 -1.80
CA LYS B 504 -20.85 -25.22 -1.36
C LYS B 504 -21.77 -25.23 -0.15
N ILE B 505 -22.78 -26.11 -0.15
CA ILE B 505 -23.74 -26.13 0.95
C ILE B 505 -23.05 -26.49 2.26
N ASP B 506 -22.18 -27.50 2.24
CA ASP B 506 -21.51 -27.92 3.47
C ASP B 506 -20.65 -26.81 4.04
N VAL B 507 -19.90 -26.12 3.18
CA VAL B 507 -19.04 -25.03 3.64
C VAL B 507 -19.87 -23.89 4.21
N PHE B 508 -20.98 -23.57 3.54
CA PHE B 508 -21.81 -22.45 3.98
C PHE B 508 -22.33 -22.67 5.39
N ASN B 509 -22.83 -23.87 5.67
CA ASN B 509 -23.34 -24.17 7.01
C ASN B 509 -22.21 -24.14 8.03
N ASP B 510 -21.02 -24.63 7.65
CA ASP B 510 -19.90 -24.65 8.58
C ASP B 510 -19.52 -23.25 9.04
N MET B 511 -19.47 -22.29 8.10
CA MET B 511 -19.15 -20.92 8.47
C MET B 511 -20.29 -20.26 9.23
N LEU B 512 -21.54 -20.59 8.89
CA LEU B 512 -22.67 -19.98 9.57
C LEU B 512 -22.67 -20.33 11.06
N ASP B 513 -22.35 -21.58 11.40
CA ASP B 513 -22.25 -21.96 12.79
C ASP B 513 -21.12 -21.21 13.51
N GLU B 514 -20.02 -20.94 12.83
CA GLU B 514 -18.95 -20.15 13.43
C GLU B 514 -19.43 -18.74 13.76
N TYR B 515 -20.26 -18.16 12.90
CA TYR B 515 -20.79 -16.82 13.17
C TYR B 515 -21.61 -16.82 14.45
N LYS B 516 -22.37 -17.89 14.70
CA LYS B 516 -23.15 -18.00 15.92
C LYS B 516 -22.28 -18.05 17.17
N ARG B 517 -21.03 -18.46 17.05
CA ARG B 517 -20.12 -18.55 18.18
C ARG B 517 -19.07 -17.44 18.22
N LEU B 518 -18.72 -16.86 17.07
CA LEU B 518 -17.80 -15.73 17.07
C LEU B 518 -18.41 -14.54 17.83
N TYR B 519 -19.71 -14.33 17.67
CA TYR B 519 -20.44 -13.28 18.36
C TYR B 519 -21.37 -13.93 19.38
N GLU B 520 -21.48 -13.30 20.55
CA GLU B 520 -22.06 -13.94 21.73
C GLU B 520 -23.57 -13.82 21.82
N ARG B 521 -24.27 -13.57 20.72
CA ARG B 521 -25.73 -13.52 20.73
C ARG B 521 -26.27 -14.00 19.40
N ALA B 522 -27.56 -14.37 19.41
CA ALA B 522 -28.16 -14.98 18.25
C ALA B 522 -28.13 -14.02 17.06
N PRO B 523 -27.85 -14.49 15.85
CA PRO B 523 -27.87 -13.60 14.69
C PRO B 523 -29.26 -13.01 14.46
N ASN B 524 -29.28 -11.77 13.96
CA ASN B 524 -30.51 -11.10 13.57
C ASN B 524 -30.34 -10.52 12.17
N ASP B 525 -31.44 -10.54 11.41
CA ASP B 525 -31.38 -10.15 10.00
C ASP B 525 -31.56 -8.65 9.83
N LYS B 526 -32.45 -8.04 10.60
CA LYS B 526 -32.79 -6.64 10.43
C LYS B 526 -31.81 -5.68 11.11
N GLU B 527 -30.83 -6.20 11.84
CA GLU B 527 -29.79 -5.35 12.43
C GLU B 527 -28.68 -5.04 11.44
N ASN B 528 -28.61 -5.75 10.31
CA ASN B 528 -27.60 -5.53 9.28
C ASN B 528 -28.25 -5.21 7.94
N GLU B 529 -29.26 -4.34 7.94
CA GLU B 529 -30.00 -4.05 6.73
C GLU B 529 -29.16 -3.25 5.74
N THR B 530 -29.35 -3.55 4.46
CA THR B 530 -28.73 -2.79 3.38
C THR B 530 -29.72 -2.72 2.23
N ASP B 531 -29.66 -1.62 1.46
CA ASP B 531 -30.61 -1.40 0.39
C ASP B 531 -29.96 -0.89 -0.89
N LEU B 532 -28.76 -1.37 -1.22
CA LEU B 532 -28.07 -0.98 -2.44
C LEU B 532 -27.51 -2.21 -3.13
N SER B 533 -27.42 -2.13 -4.46
CA SER B 533 -26.91 -3.24 -5.27
C SER B 533 -25.38 -3.20 -5.31
N LEU B 534 -24.75 -3.45 -4.17
CA LEU B 534 -23.29 -3.42 -4.06
C LEU B 534 -22.63 -4.70 -4.56
N SER B 535 -23.35 -5.56 -5.29
CA SER B 535 -22.77 -6.83 -5.71
C SER B 535 -21.52 -6.62 -6.55
N HIS B 536 -21.59 -5.72 -7.53
CA HIS B 536 -20.43 -5.47 -8.40
C HIS B 536 -19.34 -4.70 -7.66
N VAL B 537 -19.69 -3.75 -6.82
CA VAL B 537 -18.69 -2.95 -6.11
C VAL B 537 -17.86 -3.84 -5.19
N LEU B 538 -18.52 -4.74 -4.45
CA LEU B 538 -17.80 -5.61 -3.52
C LEU B 538 -16.89 -6.59 -4.25
N ALA B 539 -17.11 -6.81 -5.55
CA ALA B 539 -16.33 -7.80 -6.27
C ALA B 539 -14.85 -7.44 -6.26
N TYR B 540 -14.52 -6.17 -6.51
CA TYR B 540 -13.12 -5.76 -6.53
C TYR B 540 -12.51 -5.81 -5.14
N SER B 541 -13.28 -5.44 -4.12
CA SER B 541 -12.78 -5.51 -2.75
C SER B 541 -12.46 -6.94 -2.35
N ILE B 542 -13.30 -7.89 -2.73
CA ILE B 542 -13.04 -9.30 -2.41
C ILE B 542 -11.74 -9.75 -3.09
N ASP B 543 -11.57 -9.40 -4.36
CA ASP B 543 -10.35 -9.75 -5.06
C ASP B 543 -9.12 -9.10 -4.41
N ASN B 544 -9.25 -7.83 -4.01
CA ASN B 544 -8.14 -7.16 -3.35
C ASN B 544 -7.76 -7.86 -2.05
N LEU B 545 -8.76 -8.25 -1.26
CA LEU B 545 -8.48 -8.95 0.00
C LEU B 545 -7.78 -10.28 -0.27
N LEU B 546 -8.30 -11.06 -1.22
CA LEU B 546 -7.67 -12.33 -1.55
C LEU B 546 -6.27 -12.13 -2.11
N THR B 547 -6.07 -11.06 -2.90
CA THR B 547 -4.73 -10.75 -3.40
C THR B 547 -3.80 -10.43 -2.25
N ALA B 548 -4.29 -9.72 -1.22
CA ALA B 548 -3.45 -9.41 -0.07
C ALA B 548 -2.98 -10.68 0.63
N TYR B 549 -3.85 -11.69 0.73
CA TYR B 549 -3.45 -12.96 1.33
C TYR B 549 -2.28 -13.57 0.58
N LYS B 550 -2.34 -13.59 -0.75
CA LYS B 550 -1.27 -14.18 -1.54
C LYS B 550 0.02 -13.38 -1.39
N ASN B 551 -0.08 -12.05 -1.46
CA ASN B 551 1.12 -11.22 -1.36
C ASN B 551 1.80 -11.38 -0.02
N ASN B 552 1.02 -11.41 1.07
CA ASN B 552 1.61 -11.54 2.39
C ASN B 552 2.36 -12.86 2.55
N ILE B 553 1.78 -13.95 2.06
CA ILE B 553 2.40 -15.26 2.22
C ILE B 553 3.64 -15.38 1.36
N GLU B 554 3.56 -14.92 0.11
CA GLU B 554 4.60 -15.22 -0.87
C GLU B 554 5.81 -14.29 -0.76
N ALA B 555 5.70 -13.18 -0.03
CA ALA B 555 6.75 -12.18 0.00
C ALA B 555 7.22 -11.81 1.40
N HIS B 556 6.87 -12.58 2.43
CA HIS B 556 7.26 -12.26 3.79
C HIS B 556 7.64 -13.48 4.63
N PHE B 557 7.71 -14.67 4.05
CA PHE B 557 8.02 -15.86 4.83
C PHE B 557 9.40 -15.78 5.45
N SER B 558 10.39 -15.29 4.71
CA SER B 558 11.74 -15.20 5.25
C SER B 558 11.79 -14.32 6.49
N LYS B 559 10.94 -13.29 6.55
CA LYS B 559 10.90 -12.42 7.73
C LYS B 559 10.37 -13.17 8.95
N TYR B 560 9.40 -14.07 8.75
CA TYR B 560 8.95 -14.92 9.84
C TYR B 560 10.08 -15.80 10.37
N VAL B 561 10.91 -16.31 9.47
CA VAL B 561 12.02 -17.16 9.88
C VAL B 561 12.98 -16.40 10.78
N LYS B 562 13.26 -15.14 10.43
CA LYS B 562 14.19 -14.35 11.23
C LYS B 562 13.66 -14.16 12.65
N ARG B 563 12.36 -13.86 12.78
CA ARG B 563 11.79 -13.63 14.10
C ARG B 563 11.86 -14.88 14.96
N PHE B 564 11.53 -16.04 14.38
CA PHE B 564 11.56 -17.28 15.13
C PHE B 564 12.99 -17.65 15.53
N ILE B 565 13.92 -17.56 14.58
CA ILE B 565 15.30 -17.97 14.85
C ILE B 565 15.93 -17.06 15.89
N ARG B 566 15.74 -15.75 15.76
CA ARG B 566 16.34 -14.82 16.71
C ARG B 566 15.75 -14.95 18.11
N CYS B 567 14.59 -15.59 18.25
CA CYS B 567 14.04 -15.95 19.55
C CYS B 567 14.45 -17.35 19.99
N ASP B 568 14.69 -18.26 19.05
CA ASP B 568 15.16 -19.59 19.40
C ASP B 568 16.53 -19.52 20.05
N MET B 569 17.41 -18.65 19.55
CA MET B 569 18.73 -18.50 20.15
C MET B 569 18.62 -18.05 21.60
N LEU B 570 17.74 -17.09 21.89
CA LEU B 570 17.55 -16.65 23.26
C LEU B 570 17.02 -17.78 24.13
N ALA B 571 16.07 -18.56 23.61
CA ALA B 571 15.52 -19.67 24.37
C ALA B 571 16.60 -20.71 24.69
N LYS B 572 17.61 -20.82 23.83
CA LYS B 572 18.71 -21.77 24.04
C LYS B 572 19.79 -21.23 24.97
N GLY B 573 19.56 -20.09 25.63
CA GLY B 573 20.49 -19.56 26.60
C GLY B 573 21.39 -18.46 26.10
N PHE B 574 21.50 -18.28 24.78
CA PHE B 574 22.37 -17.24 24.25
C PHE B 574 21.80 -15.85 24.53
N ASN B 575 22.67 -14.96 24.98
CA ASN B 575 22.30 -13.55 25.09
C ASN B 575 22.09 -12.97 23.69
N LYS B 576 21.24 -11.95 23.62
CA LYS B 576 20.84 -11.39 22.33
C LYS B 576 21.99 -10.76 21.55
N SER B 577 23.20 -10.66 22.12
CA SER B 577 24.34 -10.17 21.35
C SER B 577 24.72 -11.16 20.25
N GLU B 578 24.66 -12.46 20.55
CA GLU B 578 25.05 -13.48 19.59
C GLU B 578 23.91 -13.93 18.68
N ALA B 579 22.69 -13.47 18.93
CA ALA B 579 21.55 -13.94 18.14
C ALA B 579 21.70 -13.57 16.67
N ASN B 580 22.07 -12.32 16.39
CA ASN B 580 22.21 -11.89 15.00
C ASN B 580 23.40 -12.56 14.33
N ARG B 581 24.40 -12.99 15.11
CA ARG B 581 25.58 -13.61 14.54
C ARG B 581 25.23 -14.89 13.79
N VAL B 582 24.35 -15.70 14.36
CA VAL B 582 23.98 -16.98 13.76
C VAL B 582 22.72 -16.86 12.91
N ALA B 583 21.79 -15.99 13.32
CA ALA B 583 20.52 -15.89 12.62
C ALA B 583 20.71 -15.43 11.18
N ALA B 584 21.58 -14.46 10.95
CA ALA B 584 21.75 -13.91 9.61
C ALA B 584 22.21 -14.98 8.63
N ILE B 585 23.20 -15.77 9.02
CA ILE B 585 23.71 -16.82 8.12
C ILE B 585 22.65 -17.90 7.92
N TYR B 586 21.97 -18.29 9.00
CA TYR B 586 20.97 -19.34 8.91
C TYR B 586 19.83 -18.93 7.97
N THR B 587 19.37 -17.68 8.09
CA THR B 587 18.24 -17.23 7.28
C THR B 587 18.58 -17.31 5.79
N ASN B 588 19.72 -16.73 5.39
CA ASN B 588 20.11 -16.74 3.99
C ASN B 588 20.37 -18.17 3.50
N ALA B 589 21.08 -18.96 4.29
CA ALA B 589 21.44 -20.31 3.86
C ALA B 589 20.20 -21.17 3.67
N TYR B 590 19.26 -21.12 4.62
CA TYR B 590 18.07 -21.96 4.53
C TYR B 590 17.15 -21.49 3.42
N ILE B 591 16.93 -20.17 3.30
CA ILE B 591 16.06 -19.67 2.25
C ILE B 591 16.65 -19.95 0.87
N TYR B 592 17.94 -19.69 0.70
CA TYR B 592 18.62 -19.91 -0.58
C TYR B 592 19.51 -21.15 -0.52
N SER B 614 15.10 -23.81 10.69
CA SER B 614 15.58 -25.13 10.29
C SER B 614 14.41 -26.07 10.01
N SER B 615 13.48 -26.14 10.95
CA SER B 615 12.29 -26.97 10.84
C SER B 615 11.06 -26.18 10.40
N LEU B 616 11.23 -24.92 9.98
CA LEU B 616 10.11 -24.06 9.61
C LEU B 616 9.71 -24.20 8.16
N PHE B 617 10.35 -25.07 7.38
CA PHE B 617 10.10 -25.18 5.96
C PHE B 617 9.39 -26.50 5.63
N PRO B 618 8.55 -26.51 4.59
CA PRO B 618 7.87 -27.75 4.20
C PRO B 618 8.73 -28.60 3.28
N SER B 619 8.15 -29.70 2.83
CA SER B 619 8.84 -30.57 1.88
C SER B 619 9.03 -29.85 0.56
N LYS B 620 10.13 -30.16 -0.12
CA LYS B 620 10.42 -29.53 -1.40
C LYS B 620 9.30 -29.81 -2.39
N ILE B 621 8.86 -28.77 -3.09
CA ILE B 621 7.69 -28.87 -3.97
C ILE B 621 8.15 -29.10 -5.39
N ASN B 622 8.93 -28.17 -5.93
CA ASN B 622 9.35 -28.25 -7.33
C ASN B 622 10.18 -29.50 -7.55
N LYS B 623 9.76 -30.33 -8.52
CA LYS B 623 10.51 -31.53 -8.85
C LYS B 623 11.73 -31.20 -9.71
N GLY B 624 11.85 -29.97 -10.20
CA GLY B 624 12.98 -29.59 -11.01
C GLY B 624 14.27 -29.36 -10.24
N GLY B 625 14.20 -29.32 -8.92
CA GLY B 625 15.39 -29.13 -8.10
C GLY B 625 15.82 -27.69 -7.92
N PHE B 626 14.93 -26.73 -8.15
CA PHE B 626 15.29 -25.33 -7.96
C PHE B 626 15.48 -25.03 -6.47
N PRO B 627 16.19 -23.95 -6.16
CA PRO B 627 16.41 -23.61 -4.74
C PRO B 627 15.11 -23.53 -3.96
N ARG B 628 15.21 -23.70 -2.64
CA ARG B 628 14.02 -23.74 -1.80
C ARG B 628 13.24 -22.43 -1.87
N VAL B 629 13.92 -21.31 -2.12
CA VAL B 629 13.23 -20.02 -2.18
C VAL B 629 12.19 -20.02 -3.29
N TYR B 630 12.45 -20.76 -4.38
CA TYR B 630 11.50 -20.80 -5.48
C TYR B 630 10.16 -21.41 -5.06
N ASP B 631 10.20 -22.42 -4.20
CA ASP B 631 8.98 -23.12 -3.81
C ASP B 631 7.97 -22.19 -3.14
N LEU B 632 8.42 -21.05 -2.60
CA LEU B 632 7.48 -20.15 -1.94
C LEU B 632 6.42 -19.63 -2.90
N LYS B 633 6.75 -19.52 -4.18
CA LYS B 633 5.81 -19.06 -5.19
C LYS B 633 4.96 -20.17 -5.78
N ALA B 634 5.26 -21.44 -5.47
CA ALA B 634 4.51 -22.54 -6.05
C ALA B 634 3.05 -22.50 -5.59
N ASN B 635 2.82 -22.43 -4.28
CA ASN B 635 1.47 -22.37 -3.73
C ASN B 635 1.50 -21.72 -2.36
N PRO B 636 0.90 -20.54 -2.18
CA PRO B 636 0.97 -19.89 -0.86
C PRO B 636 0.34 -20.71 0.25
N TRP B 637 -0.72 -21.46 -0.03
CA TRP B 637 -1.44 -22.18 1.01
C TRP B 637 -0.60 -23.27 1.67
N VAL B 638 0.45 -23.76 1.01
CA VAL B 638 1.32 -24.76 1.64
C VAL B 638 2.14 -24.12 2.76
N TYR B 639 2.63 -22.90 2.57
CA TYR B 639 3.42 -22.23 3.59
C TYR B 639 2.58 -21.54 4.66
N LEU B 640 1.31 -21.28 4.38
CA LEU B 640 0.49 -20.55 5.35
C LEU B 640 0.41 -21.25 6.70
N PRO B 641 0.21 -22.57 6.79
CA PRO B 641 0.17 -23.21 8.11
C PRO B 641 1.42 -22.96 8.93
N LYS B 642 2.59 -22.93 8.29
CA LYS B 642 3.83 -22.69 9.03
C LYS B 642 3.83 -21.32 9.70
N MET B 643 3.37 -20.29 8.98
CA MET B 643 3.37 -18.95 9.55
C MET B 643 2.47 -18.86 10.77
N VAL B 644 1.30 -19.52 10.72
CA VAL B 644 0.40 -19.50 11.86
C VAL B 644 1.05 -20.16 13.06
N MET B 645 1.72 -21.29 12.86
CA MET B 645 2.40 -21.96 13.96
C MET B 645 3.51 -21.08 14.52
N ILE B 646 4.25 -20.38 13.66
CA ILE B 646 5.28 -19.45 14.13
C ILE B 646 4.66 -18.42 15.07
N ASN B 647 3.49 -17.89 14.71
CA ASN B 647 2.82 -16.93 15.58
C ASN B 647 2.45 -17.56 16.92
N GLN B 648 1.86 -18.76 16.89
CA GLN B 648 1.49 -19.44 18.13
C GLN B 648 2.73 -19.77 18.95
N ALA B 649 3.80 -20.22 18.30
CA ALA B 649 5.04 -20.50 19.04
C ALA B 649 5.58 -19.24 19.68
N LEU B 650 5.53 -18.11 18.96
CA LEU B 650 5.98 -16.85 19.53
C LEU B 650 5.17 -16.48 20.76
N GLU B 651 3.89 -16.82 20.78
CA GLU B 651 3.01 -16.46 21.89
C GLU B 651 3.02 -17.48 23.02
N THR B 652 3.34 -18.74 22.74
CA THR B 652 3.32 -19.78 23.76
C THR B 652 4.71 -20.35 24.02
N ASP B 653 5.38 -20.81 22.96
CA ASP B 653 6.67 -21.45 23.14
C ASP B 653 7.71 -20.47 23.66
N PHE B 654 7.73 -19.25 23.11
CA PHE B 654 8.70 -18.24 23.51
C PHE B 654 8.11 -17.21 24.47
N SER B 655 7.11 -17.59 25.26
CA SER B 655 6.48 -16.65 26.17
C SER B 655 7.47 -16.09 27.20
N SER B 656 8.47 -16.88 27.58
CA SER B 656 9.46 -16.41 28.54
C SER B 656 10.37 -15.32 27.98
N VAL B 657 10.59 -15.30 26.66
CA VAL B 657 11.44 -14.28 26.06
C VAL B 657 10.78 -12.91 26.21
N GLU B 658 11.61 -11.87 26.18
CA GLU B 658 11.11 -10.51 26.32
C GLU B 658 10.08 -10.21 25.24
N HIS B 659 8.96 -9.59 25.66
CA HIS B 659 7.88 -9.31 24.72
C HIS B 659 8.32 -8.34 23.64
N LYS B 660 9.29 -7.47 23.93
CA LYS B 660 9.74 -6.50 22.94
C LYS B 660 10.33 -7.18 21.71
N GLU B 661 11.03 -8.29 21.87
CA GLU B 661 11.60 -9.02 20.75
C GLU B 661 10.58 -9.89 20.02
N ARG B 662 9.40 -10.10 20.60
CA ARG B 662 8.37 -10.94 20.00
C ARG B 662 7.19 -10.13 19.48
N ARG B 663 7.46 -8.96 18.91
CA ARG B 663 6.40 -8.18 18.29
C ARG B 663 5.70 -9.00 17.22
N LEU B 664 4.41 -9.26 17.43
CA LEU B 664 3.71 -10.25 16.64
C LEU B 664 3.57 -9.83 15.18
N LEU B 665 3.59 -10.82 14.28
CA LEU B 665 3.28 -10.63 12.89
C LEU B 665 1.81 -10.94 12.64
N ASN B 666 1.34 -10.64 11.43
CA ASN B 666 -0.07 -10.82 11.06
C ASN B 666 -0.17 -11.71 9.83
N PRO B 667 -0.18 -13.04 10.02
CA PRO B 667 -0.32 -13.93 8.86
C PRO B 667 -1.59 -13.72 8.06
N LEU B 668 -2.70 -13.36 8.71
CA LEU B 668 -4.00 -13.25 8.06
C LEU B 668 -4.45 -11.79 8.02
N PRO B 669 -4.34 -11.11 6.89
CA PRO B 669 -4.78 -9.71 6.83
C PRO B 669 -6.28 -9.58 6.98
N PHE B 670 -6.71 -8.43 7.49
CA PHE B 670 -8.12 -8.07 7.56
C PHE B 670 -8.24 -6.56 7.63
N TYR B 671 -9.39 -6.05 7.20
CA TYR B 671 -9.64 -4.61 7.20
C TYR B 671 -9.93 -4.18 8.64
N SER B 672 -9.09 -3.30 9.18
CA SER B 672 -9.19 -2.86 10.56
C SER B 672 -9.52 -1.39 10.70
N SER B 673 -8.96 -0.53 9.85
CA SER B 673 -9.20 0.90 9.96
C SER B 673 -10.68 1.22 9.83
N PHE B 674 -11.18 2.05 10.75
CA PHE B 674 -12.58 2.43 10.74
C PHE B 674 -12.90 3.50 9.70
N VAL B 675 -11.90 4.22 9.22
CA VAL B 675 -12.12 5.26 8.21
C VAL B 675 -12.63 4.57 6.95
N PRO B 676 -13.68 5.07 6.31
CA PRO B 676 -14.18 4.40 5.10
C PRO B 676 -13.10 4.32 4.03
N MET B 677 -13.07 3.17 3.34
CA MET B 677 -12.07 2.93 2.32
C MET B 677 -12.62 3.27 0.94
N HIS B 678 -11.69 3.39 -0.02
CA HIS B 678 -12.08 3.69 -1.38
C HIS B 678 -12.76 2.49 -2.03
N ILE B 679 -13.65 2.77 -2.99
CA ILE B 679 -14.37 1.75 -3.72
C ILE B 679 -14.19 2.01 -5.21
N ARG B 680 -14.35 0.96 -6.01
CA ARG B 680 -14.18 1.04 -7.45
C ARG B 680 -15.54 1.01 -8.13
N ILE B 681 -15.77 1.95 -9.04
CA ILE B 681 -17.04 2.06 -9.76
C ILE B 681 -16.73 1.94 -11.24
N ASP B 682 -17.42 1.02 -11.91
CA ASP B 682 -17.30 0.84 -13.35
C ASP B 682 -18.62 1.21 -14.04
N THR B 683 -18.65 1.00 -15.35
CA THR B 683 -19.86 1.30 -16.10
C THR B 683 -21.03 0.43 -15.62
N SER B 684 -20.78 -0.86 -15.42
CA SER B 684 -21.83 -1.73 -14.90
C SER B 684 -22.19 -1.37 -13.47
N GLY B 685 -21.18 -1.12 -12.63
CA GLY B 685 -21.45 -0.77 -11.24
C GLY B 685 -22.21 0.52 -11.11
N LEU B 686 -21.84 1.53 -11.89
CA LEU B 686 -22.55 2.80 -11.85
C LEU B 686 -24.00 2.63 -12.30
N SER B 687 -24.21 1.82 -13.34
CA SER B 687 -25.56 1.62 -13.86
C SER B 687 -26.47 0.98 -12.81
N GLN B 688 -25.98 -0.02 -12.09
CA GLN B 688 -26.82 -0.71 -11.11
C GLN B 688 -27.26 0.24 -10.00
N LEU B 689 -26.34 1.07 -9.49
CA LEU B 689 -26.66 1.89 -8.33
C LEU B 689 -27.63 3.02 -8.68
N LEU B 690 -27.36 3.73 -9.78
CA LEU B 690 -28.01 5.01 -10.04
C LEU B 690 -29.08 4.97 -11.12
N MET B 691 -29.48 3.80 -11.59
CA MET B 691 -30.44 3.68 -12.67
C MET B 691 -31.74 3.07 -12.19
N THR B 692 -32.85 3.60 -12.71
CA THR B 692 -34.18 3.06 -12.47
C THR B 692 -34.98 3.14 -13.76
N LYS B 693 -36.13 2.47 -13.78
CA LYS B 693 -36.94 2.43 -14.98
C LYS B 693 -37.29 3.83 -15.46
N ASP B 694 -37.78 4.68 -14.57
CA ASP B 694 -38.13 6.04 -14.94
C ASP B 694 -36.94 6.83 -15.46
N ARG B 695 -35.73 6.48 -15.05
CA ARG B 695 -34.53 7.16 -15.51
C ARG B 695 -33.92 6.46 -16.72
N LEU B 696 -34.02 5.12 -16.78
CA LEU B 696 -33.48 4.38 -17.92
C LEU B 696 -34.23 4.72 -19.20
N ASP B 697 -35.55 4.88 -19.12
CA ASP B 697 -36.34 5.19 -20.30
C ASP B 697 -35.92 6.51 -20.95
N ASP B 698 -35.46 7.47 -20.16
CA ASP B 698 -34.95 8.72 -20.73
C ASP B 698 -33.67 8.51 -21.52
N PHE B 699 -32.85 7.55 -21.11
CA PHE B 699 -31.61 7.27 -21.83
C PHE B 699 -31.90 6.84 -23.26
N LYS B 700 -32.97 6.09 -23.48
CA LYS B 700 -33.33 5.66 -24.82
C LYS B 700 -33.65 6.86 -25.70
N ARG B 701 -34.44 7.80 -25.18
CA ARG B 701 -34.84 8.96 -25.98
C ARG B 701 -33.64 9.82 -26.32
N SER B 702 -32.79 10.11 -25.34
CA SER B 702 -31.63 10.96 -25.60
C SER B 702 -30.68 10.32 -26.61
N TYR B 703 -30.42 9.02 -26.45
CA TYR B 703 -29.53 8.34 -27.39
C TYR B 703 -30.13 8.29 -28.78
N LEU B 704 -31.43 8.00 -28.88
CA LEU B 704 -32.09 7.94 -30.19
C LEU B 704 -32.06 9.29 -30.88
N ALA B 705 -32.39 10.36 -30.15
CA ALA B 705 -32.46 11.68 -30.77
C ALA B 705 -31.11 12.13 -31.28
N GLU B 706 -30.05 11.94 -30.49
CA GLU B 706 -28.73 12.43 -30.88
C GLU B 706 -28.08 11.57 -31.95
N PHE B 707 -28.30 10.25 -31.92
CA PHE B 707 -27.65 9.34 -32.84
C PHE B 707 -28.60 8.65 -33.81
N GLY B 708 -29.91 8.75 -33.61
CA GLY B 708 -30.84 8.14 -34.54
C GLY B 708 -30.94 6.64 -34.46
N VAL B 709 -30.53 6.03 -33.34
CA VAL B 709 -30.59 4.59 -33.15
C VAL B 709 -31.28 4.31 -31.83
N SER B 710 -32.23 3.38 -31.86
CA SER B 710 -33.01 3.01 -30.68
C SER B 710 -32.39 1.79 -30.02
N LEU B 711 -32.12 1.90 -28.72
CA LEU B 711 -31.52 0.80 -27.97
C LEU B 711 -32.55 -0.28 -27.68
N ASN B 712 -32.11 -1.53 -27.66
CA ASN B 712 -32.98 -2.66 -27.37
C ASN B 712 -33.06 -2.85 -25.84
N ILE B 713 -33.75 -1.91 -25.21
CA ILE B 713 -33.91 -1.90 -23.76
C ILE B 713 -35.38 -1.73 -23.43
N LYS B 714 -35.88 -2.57 -22.52
CA LYS B 714 -37.24 -2.45 -22.00
C LYS B 714 -37.28 -2.16 -20.51
N ASN B 715 -36.32 -2.68 -19.74
CA ASN B 715 -36.24 -2.44 -18.31
C ASN B 715 -34.80 -2.61 -17.87
N LYS B 716 -34.58 -2.53 -16.57
CA LYS B 716 -33.22 -2.62 -16.03
C LYS B 716 -32.58 -3.99 -16.26
N GLY B 717 -33.38 -5.01 -16.60
CA GLY B 717 -32.81 -6.32 -16.87
C GLY B 717 -31.97 -6.38 -18.11
N ASP B 718 -32.37 -5.69 -19.18
CA ASP B 718 -31.65 -5.74 -20.45
C ASP B 718 -30.63 -4.62 -20.58
N MET B 719 -30.44 -3.81 -19.53
CA MET B 719 -29.57 -2.65 -19.65
C MET B 719 -28.13 -3.03 -19.96
N LEU B 720 -27.59 -4.05 -19.28
CA LEU B 720 -26.18 -4.40 -19.37
C LEU B 720 -25.93 -5.62 -20.24
N ALA B 721 -26.77 -5.85 -21.25
CA ALA B 721 -26.54 -6.95 -22.16
C ALA B 721 -25.33 -6.64 -23.05
N SER B 722 -24.98 -7.60 -23.90
CA SER B 722 -23.86 -7.43 -24.79
C SER B 722 -24.17 -6.39 -25.86
N PHE B 723 -23.12 -5.88 -26.50
CA PHE B 723 -23.31 -4.87 -27.53
C PHE B 723 -24.13 -5.41 -28.69
N GLU B 724 -23.89 -6.66 -29.08
CA GLU B 724 -24.60 -7.23 -30.23
C GLU B 724 -26.11 -7.22 -30.00
N LYS B 725 -26.55 -7.62 -28.81
CA LYS B 725 -27.97 -7.62 -28.52
C LYS B 725 -28.55 -6.22 -28.40
N ILE B 726 -27.79 -5.29 -27.83
CA ILE B 726 -28.31 -3.93 -27.63
C ILE B 726 -28.54 -3.25 -28.98
N PHE B 727 -27.55 -3.33 -29.88
CA PHE B 727 -27.63 -2.66 -31.16
C PHE B 727 -28.12 -3.56 -32.29
N GLY B 728 -28.18 -4.87 -32.07
CA GLY B 728 -28.66 -5.79 -33.08
C GLY B 728 -27.64 -6.28 -34.06
N ARG B 729 -26.40 -5.78 -34.00
CA ARG B 729 -25.35 -6.23 -34.89
C ARG B 729 -24.00 -6.09 -34.18
N LYS B 730 -23.02 -6.84 -34.67
CA LYS B 730 -21.70 -6.83 -34.07
C LYS B 730 -21.01 -5.49 -34.31
N ALA B 731 -20.24 -5.05 -33.31
CA ALA B 731 -19.50 -3.80 -33.42
C ALA B 731 -18.36 -3.95 -34.42
N THR B 732 -18.10 -2.87 -35.17
CA THR B 732 -17.00 -2.90 -36.12
C THR B 732 -15.67 -3.11 -35.42
N SER B 733 -15.46 -2.43 -34.29
CA SER B 733 -14.22 -2.53 -33.55
C SER B 733 -14.50 -2.19 -32.09
N ASN B 734 -13.55 -2.54 -31.23
CA ASN B 734 -13.72 -2.29 -29.80
C ASN B 734 -13.97 -0.82 -29.50
N ARG B 735 -13.41 0.08 -30.32
CA ARG B 735 -13.58 1.51 -30.07
C ARG B 735 -15.04 1.93 -30.18
N GLU B 736 -15.78 1.36 -31.13
CA GLU B 736 -17.19 1.70 -31.26
C GLU B 736 -17.96 1.34 -29.99
N ALA B 737 -17.69 0.17 -29.42
CA ALA B 737 -18.33 -0.21 -28.17
C ALA B 737 -17.91 0.72 -27.04
N GLY B 738 -16.64 1.11 -27.00
CA GLY B 738 -16.18 1.98 -25.94
C GLY B 738 -16.89 3.32 -25.94
N LEU B 739 -17.16 3.87 -27.13
CA LEU B 739 -17.87 5.15 -27.21
C LEU B 739 -19.25 5.06 -26.58
N TYR B 740 -19.91 3.91 -26.74
CA TYR B 740 -21.20 3.71 -26.08
C TYR B 740 -21.06 3.77 -24.57
N ALA B 741 -19.99 3.18 -24.03
CA ALA B 741 -19.77 3.20 -22.59
C ALA B 741 -19.58 4.62 -22.08
N THR B 742 -18.85 5.45 -22.83
CA THR B 742 -18.64 6.83 -22.41
C THR B 742 -19.95 7.59 -22.33
N GLU B 743 -20.86 7.36 -23.28
CA GLU B 743 -22.18 7.98 -23.22
C GLU B 743 -22.94 7.58 -21.96
N MET B 744 -22.73 6.37 -21.46
CA MET B 744 -23.37 5.95 -20.22
C MET B 744 -22.94 6.85 -19.07
N TRP B 745 -21.63 7.13 -18.98
CA TRP B 745 -21.15 8.05 -17.95
C TRP B 745 -21.68 9.46 -18.18
N SER B 746 -21.72 9.90 -19.44
CA SER B 746 -22.17 11.25 -19.74
C SER B 746 -23.60 11.49 -19.29
N PHE B 747 -24.50 10.54 -19.51
CA PHE B 747 -25.89 10.71 -19.10
C PHE B 747 -26.04 10.70 -17.58
N LEU B 748 -25.24 9.89 -16.89
CA LEU B 748 -25.37 9.76 -15.44
C LEU B 748 -24.50 10.72 -14.66
N THR B 749 -23.47 11.30 -15.28
CA THR B 749 -22.53 12.16 -14.57
C THR B 749 -22.21 13.38 -15.42
N ASN B 750 -21.44 14.29 -14.84
CA ASN B 750 -21.07 15.53 -15.51
C ASN B 750 -19.67 15.42 -16.09
N LEU B 751 -19.31 14.22 -16.57
CA LEU B 751 -17.96 13.98 -17.07
C LEU B 751 -17.56 15.00 -18.12
N LYS B 752 -18.46 15.28 -19.07
CA LYS B 752 -18.16 16.17 -20.18
C LYS B 752 -18.52 17.63 -19.90
N THR B 753 -18.99 17.96 -18.71
CA THR B 753 -19.38 19.33 -18.37
C THR B 753 -18.79 19.83 -17.06
N CYS B 754 -18.09 19.00 -16.29
CA CYS B 754 -17.58 19.43 -15.00
C CYS B 754 -16.21 20.10 -15.16
N ARG B 755 -15.72 20.67 -14.05
CA ARG B 755 -14.43 21.34 -14.05
C ARG B 755 -13.30 20.39 -14.43
N GLN B 756 -13.37 19.13 -13.96
CA GLN B 756 -12.27 18.20 -14.18
C GLN B 756 -12.15 17.78 -15.64
N TRP B 757 -13.13 18.10 -16.49
CA TRP B 757 -13.10 17.61 -17.87
C TRP B 757 -11.90 18.15 -18.63
N LYS B 758 -11.30 19.24 -18.17
CA LYS B 758 -10.17 19.82 -18.88
C LYS B 758 -9.01 18.85 -18.98
N GLU B 759 -8.75 18.08 -17.91
CA GLU B 759 -7.62 17.18 -17.86
C GLU B 759 -7.90 15.80 -18.43
N LEU B 760 -9.14 15.54 -18.87
CA LEU B 760 -9.50 14.25 -19.43
C LEU B 760 -9.85 14.31 -20.92
N ASP B 761 -9.95 15.49 -21.50
CA ASP B 761 -10.39 15.62 -22.89
C ASP B 761 -9.21 15.50 -23.85
N GLY B 762 -8.72 14.28 -24.06
CA GLY B 762 -7.66 14.06 -25.03
C GLY B 762 -6.39 14.85 -24.74
N VAL B 763 -5.93 14.85 -23.49
CA VAL B 763 -4.77 15.64 -23.14
C VAL B 763 -3.50 14.96 -23.62
N VAL B 764 -2.58 15.76 -24.17
CA VAL B 764 -1.26 15.29 -24.58
C VAL B 764 -0.23 16.12 -23.84
N ARG B 765 0.64 15.45 -23.09
CA ARG B 765 1.67 16.11 -22.30
C ARG B 765 2.80 16.56 -23.23
N LYS B 766 3.41 17.70 -22.90
CA LYS B 766 4.28 18.38 -23.83
C LYS B 766 5.52 17.58 -24.19
N ASN B 767 6.16 16.94 -23.20
CA ASN B 767 7.46 16.32 -23.39
C ASN B 767 7.37 14.81 -23.48
N ASP B 768 6.34 14.29 -24.13
CA ASP B 768 6.26 12.86 -24.42
C ASP B 768 6.71 12.62 -25.85
N PRO B 769 7.85 11.93 -26.07
CA PRO B 769 8.30 11.71 -27.45
C PRO B 769 7.27 10.99 -28.32
N LYS B 770 6.52 10.05 -27.74
CA LYS B 770 5.53 9.30 -28.51
C LYS B 770 4.24 10.08 -28.73
N GLY B 771 4.02 11.16 -27.99
CA GLY B 771 2.79 11.93 -28.14
C GLY B 771 1.55 11.13 -27.81
N THR B 772 1.61 10.33 -26.75
CA THR B 772 0.49 9.48 -26.35
C THR B 772 -0.71 10.34 -25.96
N GLN B 773 -1.85 10.09 -26.59
CA GLN B 773 -3.08 10.83 -26.27
C GLN B 773 -3.90 10.02 -25.27
N TRP B 774 -4.32 10.68 -24.20
CA TRP B 774 -4.99 10.02 -23.09
C TRP B 774 -6.45 10.45 -23.02
N MET B 775 -7.33 9.51 -22.70
CA MET B 775 -8.75 9.80 -22.56
C MET B 775 -9.33 8.90 -21.49
N PHE B 776 -10.53 9.26 -21.03
CA PHE B 776 -11.14 8.59 -19.89
C PHE B 776 -11.33 7.10 -20.16
N ASP B 777 -11.13 6.29 -19.13
CA ASP B 777 -11.18 4.84 -19.25
C ASP B 777 -12.47 4.23 -18.70
N ASN B 778 -13.47 5.05 -18.41
CA ASN B 778 -14.75 4.57 -17.90
C ASN B 778 -14.59 3.86 -16.56
N ALA B 779 -13.67 4.33 -15.72
CA ALA B 779 -13.45 3.73 -14.41
C ALA B 779 -13.09 4.83 -13.43
N VAL B 780 -13.60 4.70 -12.20
CA VAL B 780 -13.38 5.69 -11.15
C VAL B 780 -13.13 4.97 -9.83
N VAL B 781 -12.17 5.49 -9.06
CA VAL B 781 -11.93 5.05 -7.68
C VAL B 781 -12.12 6.27 -6.78
N THR B 782 -13.04 6.15 -5.82
CA THR B 782 -13.42 7.30 -5.01
C THR B 782 -13.78 6.84 -3.60
N ASP B 783 -13.74 7.80 -2.67
CA ASP B 783 -14.13 7.58 -1.29
C ASP B 783 -15.13 8.63 -0.81
N GLY B 784 -15.80 9.31 -1.74
CA GLY B 784 -16.75 10.34 -1.38
C GLY B 784 -16.14 11.72 -1.34
N VAL B 785 -14.96 11.84 -0.73
CA VAL B 785 -14.30 13.14 -0.63
C VAL B 785 -13.32 13.34 -1.78
N SER B 786 -12.55 12.31 -2.11
CA SER B 786 -11.57 12.36 -3.20
C SER B 786 -11.95 11.36 -4.27
N ILE B 787 -11.70 11.74 -5.52
CA ILE B 787 -12.01 10.92 -6.69
C ILE B 787 -10.77 10.77 -7.54
N SER B 788 -10.49 9.54 -7.97
CA SER B 788 -9.36 9.25 -8.85
C SER B 788 -9.89 8.74 -10.18
N PHE B 789 -9.51 9.41 -11.26
CA PHE B 789 -9.96 9.03 -12.60
C PHE B 789 -8.90 8.18 -13.28
N GLN B 790 -9.35 7.18 -14.03
CA GLN B 790 -8.47 6.29 -14.77
C GLN B 790 -8.45 6.69 -16.24
N VAL B 791 -7.25 6.94 -16.75
CA VAL B 791 -7.05 7.43 -18.12
C VAL B 791 -6.08 6.48 -18.82
N ILE B 792 -6.42 6.11 -20.06
CA ILE B 792 -5.67 5.11 -20.79
C ILE B 792 -5.26 5.67 -22.15
N ASP B 793 -4.27 5.02 -22.76
CA ASP B 793 -3.80 5.41 -24.09
C ASP B 793 -4.92 5.25 -25.10
N ASN B 794 -4.97 6.15 -26.08
CA ASN B 794 -6.02 6.12 -27.09
C ASN B 794 -5.94 4.90 -27.99
N SER B 795 -4.77 4.27 -28.12
CA SER B 795 -4.62 3.13 -29.00
C SER B 795 -5.30 1.87 -28.47
N MET B 796 -5.66 1.83 -27.19
CA MET B 796 -6.29 0.66 -26.59
C MET B 796 -7.64 0.96 -25.97
N PHE B 797 -8.25 2.10 -26.29
CA PHE B 797 -9.54 2.45 -25.71
C PHE B 797 -10.63 1.51 -26.21
N GLY B 798 -11.53 1.14 -25.31
CA GLY B 798 -12.63 0.28 -25.67
C GLY B 798 -12.90 -0.75 -24.59
N ARG B 799 -14.01 -1.46 -24.77
CA ARG B 799 -14.35 -2.55 -23.86
C ARG B 799 -13.26 -3.60 -23.88
N LYS B 800 -12.94 -4.14 -22.71
CA LYS B 800 -11.79 -5.01 -22.53
C LYS B 800 -12.24 -6.47 -22.46
N ALA B 801 -11.64 -7.31 -23.30
CA ALA B 801 -11.92 -8.74 -23.27
C ALA B 801 -11.12 -9.40 -22.15
N PHE B 802 -11.73 -10.41 -21.52
CA PHE B 802 -11.08 -11.09 -20.41
C PHE B 802 -9.82 -11.78 -20.89
N SER B 803 -8.74 -11.62 -20.13
CA SER B 803 -7.46 -12.23 -20.47
C SER B 803 -6.45 -12.00 -19.34
N ARG B 825 27.08 9.31 -21.24
CA ARG B 825 28.13 9.21 -20.23
C ARG B 825 29.23 10.26 -20.46
N GLU B 826 29.29 10.78 -21.69
CA GLU B 826 30.27 11.80 -22.02
C GLU B 826 29.99 13.11 -21.28
N GLU B 827 28.78 13.28 -20.75
CA GLU B 827 28.45 14.52 -20.05
C GLU B 827 29.23 14.69 -18.75
N LEU B 828 29.86 13.63 -18.26
CA LEU B 828 30.63 13.73 -17.02
C LEU B 828 31.73 14.78 -17.12
N LYS B 829 32.27 15.01 -18.31
CA LYS B 829 33.34 16.00 -18.45
C LYS B 829 32.84 17.39 -18.11
N THR B 830 31.64 17.75 -18.55
CA THR B 830 31.09 19.07 -18.30
C THR B 830 30.11 19.11 -17.14
N SER B 831 29.52 17.98 -16.77
CA SER B 831 28.53 17.96 -15.70
C SER B 831 29.17 18.25 -14.36
N LYS B 832 28.40 18.87 -13.47
CA LYS B 832 28.84 19.17 -12.11
C LYS B 832 28.36 18.04 -11.20
N LEU B 833 29.30 17.43 -10.48
CA LEU B 833 29.02 16.24 -9.71
C LEU B 833 28.74 16.57 -8.24
N LEU B 834 27.84 15.78 -7.65
CA LEU B 834 27.50 15.90 -6.24
C LEU B 834 27.38 14.51 -5.65
N GLY B 835 27.53 14.42 -4.33
CA GLY B 835 27.44 13.15 -3.65
C GLY B 835 26.61 13.20 -2.39
N CYS B 836 25.82 12.15 -2.14
CA CYS B 836 24.99 12.09 -0.94
C CYS B 836 24.93 10.66 -0.44
N ASP B 837 24.74 10.53 0.88
CA ASP B 837 24.59 9.24 1.52
C ASP B 837 23.19 9.11 2.09
N PRO B 838 22.34 8.22 1.59
CA PRO B 838 20.97 8.13 2.09
C PRO B 838 20.93 7.56 3.50
N GLY B 839 19.78 7.75 4.13
CA GLY B 839 19.58 7.25 5.48
C GLY B 839 18.13 7.33 5.88
N LYS B 840 17.88 7.09 7.16
CA LYS B 840 16.52 7.16 7.69
C LYS B 840 16.34 8.18 8.80
N ARG B 841 17.27 8.33 9.73
CA ARG B 841 17.19 9.43 10.69
C ARG B 841 17.28 10.77 9.97
N ASP B 842 18.23 10.89 9.04
CA ASP B 842 18.28 11.99 8.09
C ASP B 842 18.06 11.40 6.70
N ILE B 843 17.01 11.84 6.02
CA ILE B 843 16.59 11.19 4.79
C ILE B 843 17.68 11.31 3.72
N LEU B 844 18.28 12.48 3.56
CA LEU B 844 19.33 12.68 2.57
C LEU B 844 20.33 13.71 3.08
N ALA B 845 21.54 13.67 2.53
CA ALA B 845 22.61 14.58 2.89
C ALA B 845 23.50 14.77 1.66
N ILE B 846 23.25 15.84 0.90
CA ILE B 846 23.97 16.12 -0.33
C ILE B 846 25.12 17.06 -0.04
N THR B 847 26.27 16.77 -0.64
CA THR B 847 27.48 17.58 -0.47
C THR B 847 28.16 17.78 -1.81
N ASP B 848 28.85 18.92 -1.94
CA ASP B 848 29.69 19.21 -3.09
C ASP B 848 31.17 19.14 -2.76
N GLY B 849 31.53 18.63 -1.59
CA GLY B 849 32.91 18.56 -1.15
C GLY B 849 33.37 19.73 -0.31
N ILE B 850 32.61 20.82 -0.26
CA ILE B 850 32.98 21.99 0.54
C ILE B 850 31.82 22.39 1.44
N LYS B 851 30.60 22.01 1.07
CA LYS B 851 29.42 22.38 1.82
C LYS B 851 28.44 21.21 1.83
N THR B 852 27.54 21.22 2.81
CA THR B 852 26.60 20.13 3.02
C THR B 852 25.19 20.67 3.22
N ILE B 853 24.21 19.94 2.70
CA ILE B 853 22.80 20.21 2.93
C ILE B 853 22.09 18.88 3.15
N CYS B 854 21.16 18.86 4.11
CA CYS B 854 20.46 17.63 4.48
C CYS B 854 18.97 17.86 4.46
N TYR B 855 18.23 16.78 4.26
CA TYR B 855 16.76 16.79 4.27
C TYR B 855 16.32 16.10 5.56
N THR B 856 16.23 16.88 6.63
CA THR B 856 15.95 16.33 7.94
C THR B 856 14.51 15.87 8.06
N LYS B 857 14.26 14.98 9.02
CA LYS B 857 12.91 14.48 9.23
C LYS B 857 11.97 15.59 9.66
N GLY B 858 12.44 16.49 10.53
CA GLY B 858 11.60 17.57 11.01
C GLY B 858 11.09 18.46 9.90
N GLN B 859 11.85 18.59 8.81
CA GLN B 859 11.42 19.43 7.70
C GLN B 859 10.11 18.92 7.10
N ARG B 860 10.00 17.61 6.90
CA ARG B 860 8.77 17.05 6.35
C ARG B 860 7.62 17.11 7.35
N ASP B 861 7.93 16.93 8.64
CA ASP B 861 6.88 17.00 9.66
C ASP B 861 6.24 18.37 9.68
N MET B 862 7.05 19.43 9.61
CA MET B 862 6.50 20.79 9.55
C MET B 862 5.68 21.00 8.28
N ASP B 863 6.17 20.49 7.14
CA ASP B 863 5.47 20.67 5.88
C ASP B 863 4.13 19.94 5.86
N THR B 864 4.06 18.77 6.48
CA THR B 864 2.85 17.94 6.47
C THR B 864 1.95 18.21 7.66
N HIS B 865 2.31 19.17 8.53
CA HIS B 865 1.48 19.54 9.66
C HIS B 865 1.21 18.35 10.57
N LYS B 866 2.28 17.64 10.94
CA LYS B 866 2.12 16.44 11.76
C LYS B 866 1.51 16.78 13.11
N THR B 867 2.02 17.84 13.76
CA THR B 867 1.53 18.19 15.09
C THR B 867 0.06 18.59 15.07
N ILE B 868 -0.34 19.40 14.08
CA ILE B 868 -1.73 19.84 14.01
C ILE B 868 -2.65 18.65 13.76
N ARG B 869 -2.26 17.75 12.86
CA ARG B 869 -3.10 16.60 12.54
C ARG B 869 -3.29 15.71 13.78
N LEU B 870 -2.24 15.51 14.56
CA LEU B 870 -2.38 14.71 15.78
C LEU B 870 -3.33 15.38 16.77
N ARG B 871 -3.21 16.70 16.92
CA ARG B 871 -4.05 17.40 17.90
C ARG B 871 -5.52 17.32 17.51
N THR B 872 -5.83 17.52 16.23
CA THR B 872 -7.22 17.53 15.79
C THR B 872 -7.86 16.15 15.98
N SER B 873 -7.13 15.09 15.63
CA SER B 873 -7.70 13.75 15.75
C SER B 873 -8.01 13.39 17.19
N LEU B 874 -7.10 13.69 18.11
CA LEU B 874 -7.34 13.39 19.52
C LEU B 874 -8.51 14.19 20.06
N LYS B 875 -8.59 15.48 19.70
CA LYS B 875 -9.66 16.32 20.22
C LYS B 875 -11.03 15.82 19.79
N ARG B 876 -11.18 15.44 18.52
CA ARG B 876 -12.47 14.95 18.05
C ARG B 876 -12.85 13.65 18.75
N ARG B 877 -11.89 12.73 18.91
CA ARG B 877 -12.19 11.44 19.54
C ARG B 877 -12.63 11.64 20.98
N ARG B 878 -11.95 12.53 21.71
CA ARG B 878 -12.28 12.75 23.12
C ARG B 878 -13.68 13.33 23.30
N GLY B 879 -14.22 14.01 22.28
CA GLY B 879 -15.56 14.55 22.41
C GLY B 879 -16.62 13.48 22.50
N CYS B 880 -16.47 12.40 21.76
CA CYS B 880 -17.46 11.33 21.75
C CYS B 880 -17.30 10.33 22.89
N GLY B 881 -16.27 10.47 23.71
CA GLY B 881 -16.05 9.57 24.82
C GLY B 881 -15.41 8.24 24.44
N LEU B 882 -14.88 8.12 23.22
CA LEU B 882 -14.25 6.88 22.81
C LEU B 882 -12.86 6.70 23.38
N GLU B 883 -12.28 7.77 23.94
CA GLU B 883 -10.89 7.70 24.40
C GLU B 883 -10.74 6.69 25.52
N GLU B 884 -11.64 6.70 26.50
CA GLU B 884 -11.51 5.81 27.64
C GLU B 884 -11.61 4.35 27.22
N TYR B 885 -12.59 4.03 26.36
CA TYR B 885 -12.78 2.64 25.94
C TYR B 885 -11.64 2.17 25.04
N GLU B 886 -11.28 2.98 24.04
CA GLU B 886 -10.28 2.56 23.07
C GLU B 886 -8.91 2.39 23.74
N THR B 887 -8.53 3.33 24.60
CA THR B 887 -7.19 3.32 25.18
C THR B 887 -7.00 2.25 26.25
N GLN B 888 -8.07 1.78 26.87
CA GLN B 888 -7.99 0.85 27.99
C GLN B 888 -8.45 -0.55 27.64
N VAL B 889 -9.59 -0.68 26.96
CA VAL B 889 -10.20 -1.98 26.71
C VAL B 889 -9.53 -2.64 25.50
N MET B 890 -9.63 -2.01 24.34
CA MET B 890 -9.10 -2.60 23.12
C MET B 890 -7.58 -2.60 23.07
N ASN B 891 -6.92 -1.83 23.94
CA ASN B 891 -5.46 -1.85 23.97
C ASN B 891 -4.93 -3.21 24.40
N ARG B 892 -5.55 -3.82 25.41
CA ARG B 892 -5.07 -5.10 25.92
C ARG B 892 -5.29 -6.23 24.93
N PHE B 893 -6.46 -6.26 24.28
CA PHE B 893 -6.80 -7.33 23.35
C PHE B 893 -6.02 -7.12 22.07
N GLN B 894 -5.04 -8.00 21.84
CA GLN B 894 -4.19 -7.92 20.66
C GLN B 894 -4.91 -8.60 19.49
N LYS B 895 -5.24 -7.80 18.47
CA LYS B 895 -5.93 -8.33 17.30
C LYS B 895 -5.05 -9.27 16.49
N ARG B 896 -3.74 -9.01 16.43
CA ARG B 896 -2.84 -9.85 15.65
C ARG B 896 -2.69 -11.24 16.23
N SER B 897 -3.13 -11.48 17.45
CA SER B 897 -2.98 -12.79 18.07
C SER B 897 -3.67 -13.85 17.22
N CYS B 898 -2.99 -14.98 17.05
CA CYS B 898 -3.51 -16.10 16.28
C CYS B 898 -4.27 -17.11 17.13
N HIS B 899 -4.29 -16.92 18.44
CA HIS B 899 -5.06 -17.82 19.30
C HIS B 899 -6.55 -17.63 19.03
N PRO B 900 -7.33 -18.70 18.87
CA PRO B 900 -8.78 -18.53 18.68
C PRO B 900 -9.44 -17.76 19.81
N GLU B 901 -9.00 -17.97 21.05
CA GLU B 901 -9.62 -17.29 22.19
C GLU B 901 -9.32 -15.79 22.16
N MET B 902 -8.04 -15.43 21.96
CA MET B 902 -7.67 -14.02 21.97
C MET B 902 -8.37 -13.26 20.86
N PHE B 903 -8.40 -13.82 19.65
CA PHE B 903 -9.02 -13.14 18.53
C PHE B 903 -10.53 -12.97 18.75
N ARG B 904 -11.17 -14.00 19.32
CA ARG B 904 -12.61 -13.91 19.57
C ARG B 904 -12.94 -12.78 20.53
N ARG B 905 -12.12 -12.62 21.58
CA ARG B 905 -12.39 -11.57 22.55
C ARG B 905 -12.34 -10.20 21.92
N TYR B 906 -11.34 -9.96 21.05
CA TYR B 906 -11.25 -8.68 20.35
C TYR B 906 -12.46 -8.46 19.45
N ALA B 907 -12.88 -9.52 18.74
CA ALA B 907 -14.01 -9.39 17.83
C ALA B 907 -15.29 -9.04 18.57
N CYS B 908 -15.55 -9.73 19.68
CA CYS B 908 -16.77 -9.49 20.44
C CYS B 908 -16.76 -8.16 21.19
N SER B 909 -15.60 -7.75 21.72
CA SER B 909 -15.52 -6.47 22.40
C SER B 909 -15.81 -5.32 21.44
N ARG B 910 -15.28 -5.41 20.22
CA ARG B 910 -15.53 -4.37 19.22
C ARG B 910 -17.01 -4.27 18.87
N LYS B 911 -17.68 -5.42 18.77
CA LYS B 911 -19.07 -5.43 18.33
C LYS B 911 -19.97 -4.60 19.23
N ARG B 912 -19.64 -4.48 20.52
CA ARG B 912 -20.42 -3.66 21.43
C ARG B 912 -20.24 -2.17 21.18
N MET B 913 -19.11 -1.75 20.59
CA MET B 913 -18.85 -0.36 20.28
C MET B 913 -18.67 -0.09 18.79
N GLU B 914 -19.01 -1.04 17.92
CA GLU B 914 -18.78 -0.86 16.50
C GLU B 914 -19.57 0.32 15.94
N HIS B 915 -20.84 0.43 16.33
CA HIS B 915 -21.68 1.49 15.78
C HIS B 915 -21.15 2.87 16.15
N MET B 916 -20.75 3.05 17.42
CA MET B 916 -20.22 4.34 17.84
C MET B 916 -18.91 4.67 17.12
N LEU B 917 -18.02 3.68 16.97
CA LEU B 917 -16.73 3.93 16.35
C LEU B 917 -16.88 4.33 14.89
N LEU B 918 -17.75 3.63 14.15
CA LEU B 918 -17.90 3.91 12.73
C LEU B 918 -18.41 5.32 12.48
N GLU B 919 -19.40 5.76 13.25
CA GLU B 919 -19.96 7.09 13.05
C GLU B 919 -18.91 8.17 13.34
N CYS B 920 -18.13 7.98 14.41
CA CYS B 920 -17.15 9.00 14.79
C CYS B 920 -16.09 9.17 13.71
N TYR B 921 -15.57 8.06 13.17
CA TYR B 921 -14.52 8.12 12.17
C TYR B 921 -15.04 8.46 10.78
N SER B 922 -16.35 8.50 10.58
CA SER B 922 -16.90 8.84 9.28
C SER B 922 -16.82 10.34 9.00
N HIS B 923 -16.41 11.14 9.98
CA HIS B 923 -16.35 12.58 9.78
C HIS B 923 -15.41 12.92 8.63
N PRO B 924 -15.77 13.86 7.76
CA PRO B 924 -14.90 14.17 6.61
C PRO B 924 -13.53 14.68 7.00
N VAL B 925 -13.34 15.16 8.23
CA VAL B 925 -12.04 15.69 8.63
C VAL B 925 -10.95 14.65 8.45
N PHE B 926 -11.25 13.41 8.84
CA PHE B 926 -10.25 12.34 8.72
C PHE B 926 -9.90 12.06 7.27
N ARG B 927 -10.90 12.06 6.38
CA ARG B 927 -10.62 11.81 4.97
C ARG B 927 -9.94 13.00 4.31
N GLU B 928 -10.23 14.22 4.77
CA GLU B 928 -9.55 15.39 4.22
C GLU B 928 -8.06 15.35 4.48
N PHE B 929 -7.66 14.93 5.68
CA PHE B 929 -6.24 14.85 6.00
C PHE B 929 -5.50 13.92 5.05
N LYS B 930 -6.16 12.86 4.58
CA LYS B 930 -5.51 11.96 3.64
C LYS B 930 -5.13 12.67 2.35
N PHE B 931 -6.00 13.54 1.85
CA PHE B 931 -5.67 14.33 0.66
C PHE B 931 -4.57 15.33 0.96
N LEU B 932 -4.58 15.92 2.16
CA LEU B 932 -3.58 16.93 2.51
C LEU B 932 -2.18 16.35 2.48
N VAL B 933 -1.98 15.19 3.11
CA VAL B 933 -0.66 14.58 3.13
C VAL B 933 -0.20 14.25 1.71
N TYR B 934 -1.11 13.80 0.85
CA TYR B 934 -0.77 13.54 -0.53
C TYR B 934 -0.34 14.83 -1.24
N ASN B 935 -1.06 15.91 -0.99
CA ASN B 935 -0.77 17.17 -1.69
C ASN B 935 0.51 17.80 -1.17
N LYS B 936 0.68 17.85 0.15
CA LYS B 936 1.83 18.55 0.74
C LYS B 936 3.12 17.77 0.61
N THR B 937 3.07 16.45 0.46
CA THR B 937 4.30 15.68 0.28
C THR B 937 5.03 16.12 -0.98
N LYS B 938 4.29 16.42 -2.04
CA LYS B 938 4.92 16.92 -3.26
C LYS B 938 5.64 18.24 -2.99
N SER B 939 5.00 19.14 -2.25
CA SER B 939 5.58 20.45 -2.01
C SER B 939 6.91 20.35 -1.28
N SER B 940 6.99 19.48 -0.27
CA SER B 940 8.21 19.35 0.51
C SER B 940 9.38 18.90 -0.36
N GLU B 941 9.15 17.89 -1.21
CA GLU B 941 10.23 17.39 -2.06
C GLU B 941 10.55 18.36 -3.19
N HIS B 942 9.53 18.99 -3.77
CA HIS B 942 9.77 19.94 -4.85
C HIS B 942 10.59 21.14 -4.36
N ARG B 943 10.27 21.66 -3.17
CA ARG B 943 11.03 22.78 -2.64
C ARG B 943 12.49 22.39 -2.40
N PHE B 944 12.72 21.20 -1.85
CA PHE B 944 14.09 20.77 -1.59
C PHE B 944 14.88 20.64 -2.89
N MET B 945 14.26 20.10 -3.94
CA MET B 945 14.94 20.00 -5.22
C MET B 945 15.33 21.37 -5.75
N HIS B 946 14.43 22.35 -5.60
CA HIS B 946 14.76 23.71 -6.01
C HIS B 946 15.92 24.26 -5.18
N ARG B 947 15.94 23.96 -3.89
CA ARG B 947 17.03 24.44 -3.04
C ARG B 947 18.37 23.86 -3.45
N VAL B 948 18.38 22.61 -3.92
CA VAL B 948 19.63 21.99 -4.34
C VAL B 948 20.25 22.77 -5.50
N LEU B 949 19.43 23.15 -6.47
CA LEU B 949 19.93 23.87 -7.64
C LEU B 949 20.54 25.21 -7.22
N GLU B 950 19.79 26.00 -6.45
CA GLU B 950 20.25 27.34 -6.08
C GLU B 950 21.47 27.31 -5.16
N THR B 951 21.81 26.15 -4.60
CA THR B 951 22.99 26.05 -3.74
C THR B 951 24.25 25.79 -4.54
N PHE B 952 24.22 24.79 -5.43
CA PHE B 952 25.39 24.41 -6.22
C PHE B 952 25.39 25.04 -7.61
N LYS B 953 24.41 25.89 -7.93
CA LYS B 953 24.36 26.50 -9.25
C LYS B 953 25.51 27.47 -9.50
N ARG B 954 26.21 27.88 -8.45
CA ARG B 954 27.26 28.88 -8.54
C ARG B 954 28.55 28.36 -7.89
N PRO B 955 29.70 28.86 -8.31
CA PRO B 955 30.97 28.40 -7.70
C PRO B 955 31.04 28.76 -6.22
N GLN B 956 31.74 27.93 -5.46
CA GLN B 956 31.94 28.20 -4.05
C GLN B 956 32.80 29.44 -3.85
N THR B 957 32.41 30.26 -2.86
CA THR B 957 33.14 31.49 -2.57
C THR B 957 34.36 31.26 -1.70
N ASN B 958 34.50 30.09 -1.09
CA ASN B 958 35.64 29.77 -0.25
C ASN B 958 36.18 28.39 -0.62
N LEU B 959 37.50 28.23 -0.50
CA LEU B 959 38.17 26.99 -0.86
C LEU B 959 39.17 26.55 0.20
N SER B 960 39.01 27.03 1.44
CA SER B 960 39.96 26.71 2.50
C SER B 960 39.32 26.32 3.82
N LYS B 961 38.01 26.45 4.00
CA LYS B 961 37.39 26.16 5.29
C LYS B 961 37.57 24.68 5.65
N ALA B 962 37.42 23.79 4.69
CA ALA B 962 37.53 22.35 4.93
C ALA B 962 38.99 21.93 4.81
N ARG B 963 39.57 21.49 5.92
CA ARG B 963 40.96 21.03 5.91
C ARG B 963 41.11 19.79 5.02
N CYS B 964 40.17 18.85 5.12
CA CYS B 964 40.26 17.59 4.39
C CYS B 964 40.06 17.74 2.89
N ALA B 965 39.63 18.91 2.42
CA ALA B 965 39.40 19.12 0.99
C ALA B 965 40.70 18.94 0.23
N SER B 966 40.77 17.88 -0.59
CA SER B 966 41.95 17.59 -1.36
C SER B 966 41.92 18.34 -2.69
N GLY B 967 42.96 18.15 -3.50
CA GLY B 967 43.02 18.82 -4.78
C GLY B 967 41.91 18.40 -5.73
N VAL B 968 41.50 17.12 -5.67
CA VAL B 968 40.47 16.63 -6.58
C VAL B 968 39.15 17.32 -6.29
N MET B 969 38.85 17.59 -5.02
CA MET B 969 37.54 18.12 -4.66
C MET B 969 37.31 19.49 -5.28
N ARG B 970 38.33 20.36 -5.26
CA ARG B 970 38.15 21.73 -5.73
C ARG B 970 37.88 21.78 -7.23
N MET B 971 38.28 20.75 -7.96
CA MET B 971 38.12 20.80 -9.42
C MET B 971 36.65 20.78 -9.83
N ASN B 972 35.80 20.11 -9.05
CA ASN B 972 34.40 19.94 -9.40
C ASN B 972 33.51 21.07 -8.88
N ALA B 973 34.05 22.01 -8.09
CA ALA B 973 33.20 23.02 -7.46
C ALA B 973 33.14 24.31 -8.27
N LEU B 974 34.06 24.51 -9.21
CA LEU B 974 34.16 25.78 -9.93
C LEU B 974 33.27 25.85 -11.17
N LYS B 975 32.60 24.77 -11.54
CA LYS B 975 31.79 24.77 -12.76
C LYS B 975 30.42 25.39 -12.50
N GLU B 976 29.95 26.16 -13.47
CA GLU B 976 28.61 26.73 -13.40
C GLU B 976 27.63 25.87 -14.18
N VAL B 977 26.45 25.66 -13.58
CA VAL B 977 25.41 24.84 -14.19
C VAL B 977 24.10 25.62 -14.15
N GLN B 978 23.39 25.64 -15.27
CA GLN B 978 22.19 26.45 -15.41
C GLN B 978 20.90 25.65 -15.47
N ARG B 979 20.98 24.32 -15.57
CA ARG B 979 19.79 23.49 -15.75
C ARG B 979 19.84 22.30 -14.81
N HIS B 980 18.65 21.78 -14.50
CA HIS B 980 18.57 20.61 -13.63
C HIS B 980 19.22 19.39 -14.28
N GLY B 981 19.01 19.20 -15.58
CA GLY B 981 19.51 18.03 -16.27
C GLY B 981 21.01 17.97 -16.46
N ASP B 982 21.72 19.06 -16.17
CA ASP B 982 23.17 19.11 -16.29
C ASP B 982 23.88 18.79 -14.97
N ILE B 983 23.13 18.41 -13.94
CA ILE B 983 23.69 18.09 -12.62
C ILE B 983 23.59 16.58 -12.42
N ILE B 984 24.69 15.97 -11.99
CA ILE B 984 24.75 14.54 -11.70
C ILE B 984 25.00 14.38 -10.21
N ILE B 985 24.14 13.62 -9.54
CA ILE B 985 24.21 13.43 -8.10
C ILE B 985 24.55 11.98 -7.82
N GLY B 986 25.67 11.76 -7.13
CA GLY B 986 26.01 10.42 -6.70
C GLY B 986 25.10 9.98 -5.56
N TRP B 987 24.63 8.75 -5.65
CA TRP B 987 23.63 8.23 -4.73
C TRP B 987 24.06 6.87 -4.21
N GLY B 988 23.58 6.52 -3.03
CA GLY B 988 23.86 5.22 -2.45
C GLY B 988 22.99 4.14 -3.04
N ASN B 989 23.30 2.89 -2.66
CA ASN B 989 22.52 1.75 -3.14
C ASN B 989 21.08 1.82 -2.66
N TRP B 990 20.86 2.19 -1.40
CA TRP B 990 19.50 2.28 -0.86
C TRP B 990 18.73 3.43 -1.50
N ILE B 1009 12.07 8.62 -2.58
CA ILE B 1009 12.32 10.03 -2.87
C ILE B 1009 13.24 10.15 -4.08
N ARG B 1010 14.16 9.19 -4.22
CA ARG B 1010 15.06 9.19 -5.37
C ARG B 1010 14.28 9.06 -6.67
N ARG B 1011 13.17 8.33 -6.64
CA ARG B 1011 12.38 8.13 -7.85
C ARG B 1011 11.79 9.43 -8.39
N ARG B 1012 11.53 10.40 -7.52
CA ARG B 1012 11.08 11.71 -7.97
C ARG B 1012 12.26 12.64 -8.29
N PHE B 1013 13.42 12.40 -7.67
CA PHE B 1013 14.60 13.19 -7.98
C PHE B 1013 15.04 12.98 -9.42
N GLU B 1014 14.94 11.74 -9.90
CA GLU B 1014 15.37 11.41 -11.26
C GLU B 1014 14.53 12.08 -12.34
N SER B 1015 13.37 12.65 -12.00
CA SER B 1015 12.55 13.33 -12.98
C SER B 1015 13.19 14.61 -13.52
N LEU B 1016 14.10 15.22 -12.75
CA LEU B 1016 14.75 16.45 -13.18
C LEU B 1016 16.27 16.32 -13.10
N PHE B 1017 16.76 15.60 -12.12
CA PHE B 1017 18.19 15.44 -11.91
C PHE B 1017 18.66 14.06 -12.37
N LYS B 1018 19.89 14.02 -12.90
CA LYS B 1018 20.50 12.75 -13.26
C LYS B 1018 21.26 12.19 -12.07
N THR B 1019 21.20 10.87 -11.93
CA THR B 1019 21.72 10.21 -10.74
C THR B 1019 22.53 8.99 -11.13
N THR B 1020 23.42 8.58 -10.23
CA THR B 1020 24.23 7.38 -10.40
C THR B 1020 24.43 6.74 -9.04
N THR B 1021 24.75 5.45 -9.05
CA THR B 1021 24.88 4.67 -7.84
C THR B 1021 26.35 4.50 -7.47
N VAL B 1022 26.65 4.65 -6.19
CA VAL B 1022 28.00 4.47 -5.65
C VAL B 1022 27.91 3.48 -4.50
N PRO B 1023 28.86 2.56 -4.35
CA PRO B 1023 28.80 1.62 -3.22
C PRO B 1023 28.80 2.35 -1.89
N GLU B 1024 28.02 1.82 -0.93
CA GLU B 1024 27.94 2.42 0.40
C GLU B 1024 28.84 1.73 1.41
N HIS B 1025 29.55 0.68 1.00
CA HIS B 1025 30.31 -0.12 1.96
C HIS B 1025 31.38 0.74 2.64
N TYR B 1026 31.42 0.65 3.97
CA TYR B 1026 32.44 1.28 4.80
C TYR B 1026 32.54 2.79 4.59
N THR B 1027 31.50 3.41 4.03
CA THR B 1027 31.55 4.86 3.83
C THR B 1027 31.45 5.63 5.15
N SER B 1028 31.03 4.98 6.23
CA SER B 1028 30.89 5.62 7.52
C SER B 1028 32.18 5.68 8.32
N GLN B 1029 33.23 4.99 7.87
CA GLN B 1029 34.50 4.95 8.58
C GLN B 1029 35.67 5.45 7.76
N GLU B 1030 35.61 5.36 6.43
CA GLU B 1030 36.72 5.79 5.60
C GLU B 1030 36.89 7.31 5.66
N CYS B 1031 38.10 7.76 5.31
CA CYS B 1031 38.46 9.16 5.40
C CYS B 1031 39.10 9.57 4.08
N PRO B 1032 38.87 10.80 3.60
CA PRO B 1032 39.38 11.18 2.27
C PRO B 1032 40.90 11.08 2.14
N SER B 1033 41.66 11.36 3.18
CA SER B 1033 43.10 11.53 3.06
C SER B 1033 43.83 10.74 4.15
N CYS B 1034 43.42 9.49 4.37
CA CYS B 1034 44.06 8.63 5.36
C CYS B 1034 44.31 7.26 4.77
N LYS B 1035 45.28 6.56 5.37
CA LYS B 1035 45.66 5.24 4.90
C LYS B 1035 44.58 4.19 5.13
N GLY B 1036 43.56 4.49 5.91
CA GLY B 1036 42.52 3.51 6.19
C GLY B 1036 41.34 4.13 6.88
N ARG B 1037 40.50 3.27 7.44
CA ARG B 1037 39.28 3.70 8.11
C ARG B 1037 39.56 4.15 9.54
N CYS B 1038 39.99 5.41 9.70
CA CYS B 1038 40.39 5.91 11.02
C CYS B 1038 39.20 6.33 11.86
N LEU B 1039 38.03 6.51 11.27
CA LEU B 1039 36.89 7.08 11.97
C LEU B 1039 36.09 6.00 12.70
N ARG B 1040 35.65 6.34 13.91
CA ARG B 1040 34.80 5.47 14.71
C ARG B 1040 33.92 6.33 15.61
N LYS B 1041 32.85 5.72 16.11
CA LYS B 1041 31.95 6.44 17.00
C LYS B 1041 32.67 6.83 18.29
N ALA B 1042 32.34 8.01 18.81
CA ALA B 1042 33.00 8.51 20.01
C ALA B 1042 32.69 7.62 21.22
N THR B 1043 33.67 7.51 22.11
CA THR B 1043 33.53 6.70 23.32
C THR B 1043 34.32 7.36 24.45
N GLY B 1044 34.01 6.96 25.67
CA GLY B 1044 34.71 7.48 26.83
C GLY B 1044 34.16 8.79 27.36
N ASN B 1045 32.86 9.01 27.23
CA ASN B 1045 32.20 10.21 27.73
C ASN B 1045 30.99 9.81 28.54
N PRO B 1046 30.52 10.69 29.44
CA PRO B 1046 29.38 10.31 30.30
C PRO B 1046 28.15 9.89 29.52
N ILE B 1047 27.87 10.54 28.39
CA ILE B 1047 26.67 10.29 27.60
C ILE B 1047 27.09 9.69 26.26
N MET B 1048 26.51 8.53 25.94
CA MET B 1048 26.73 7.88 24.65
C MET B 1048 25.71 8.45 23.67
N ARG B 1049 26.09 9.55 23.02
CA ARG B 1049 25.18 10.25 22.15
C ARG B 1049 24.96 9.48 20.85
N HIS B 1050 24.07 10.02 20.00
CA HIS B 1050 23.55 9.25 18.88
C HIS B 1050 24.63 8.87 17.89
N HIS B 1051 25.23 9.87 17.23
CA HIS B 1051 26.06 9.59 16.07
C HIS B 1051 27.37 10.38 16.03
N LEU B 1052 27.86 10.88 17.18
CA LEU B 1052 29.13 11.59 17.17
C LEU B 1052 30.24 10.66 16.72
N LEU B 1053 31.07 11.13 15.80
CA LEU B 1053 32.17 10.35 15.25
C LEU B 1053 33.50 10.99 15.66
N ARG B 1054 34.45 10.14 16.05
CA ARG B 1054 35.77 10.58 16.47
C ARG B 1054 36.83 9.73 15.78
N CYS B 1055 37.97 10.36 15.47
CA CYS B 1055 39.06 9.66 14.82
C CYS B 1055 39.84 8.83 15.84
N THR B 1056 40.46 7.76 15.36
CA THR B 1056 41.20 6.85 16.23
C THR B 1056 42.72 7.07 16.19
N ASN B 1057 43.20 8.01 15.38
CA ASN B 1057 44.64 8.22 15.26
C ASN B 1057 44.90 9.70 14.96
N ASP B 1058 46.13 10.12 15.25
CA ASP B 1058 46.52 11.51 15.02
C ASP B 1058 46.74 11.83 13.55
N SER B 1059 47.17 10.85 12.76
CA SER B 1059 47.45 11.06 11.34
C SER B 1059 46.14 11.16 10.54
N CYS B 1060 45.47 12.30 10.71
CA CYS B 1060 44.21 12.55 10.05
C CYS B 1060 44.03 14.04 9.81
N CYS B 1061 43.26 14.37 8.77
CA CYS B 1061 43.02 15.77 8.44
C CYS B 1061 42.05 16.43 9.42
N SER B 1062 40.99 15.72 9.82
CA SER B 1062 40.02 16.24 10.77
C SER B 1062 39.79 15.22 11.87
N ARG B 1063 39.93 15.65 13.12
CA ARG B 1063 39.81 14.74 14.25
C ARG B 1063 38.37 14.47 14.66
N TRP B 1064 37.42 15.25 14.16
CA TRP B 1064 36.01 15.10 14.51
C TRP B 1064 35.18 15.06 13.23
N TRP B 1065 34.11 14.26 13.26
CA TRP B 1065 33.28 14.05 12.09
C TRP B 1065 31.85 13.76 12.53
N ASN B 1066 30.94 13.80 11.56
CA ASN B 1066 29.57 13.34 11.74
C ASN B 1066 29.17 12.50 10.53
N ARG B 1067 28.14 11.68 10.72
CA ARG B 1067 27.76 10.72 9.67
C ARG B 1067 27.38 11.43 8.38
N ASN B 1068 26.64 12.53 8.48
CA ASN B 1068 26.20 13.23 7.28
C ASN B 1068 27.38 13.71 6.44
N VAL B 1069 28.33 14.40 7.06
CA VAL B 1069 29.49 14.90 6.32
C VAL B 1069 30.41 13.73 5.94
N ALA B 1070 30.65 12.81 6.87
CA ALA B 1070 31.60 11.73 6.62
C ALA B 1070 31.11 10.84 5.48
N GLY B 1071 29.86 10.43 5.52
CA GLY B 1071 29.35 9.53 4.49
C GLY B 1071 29.31 10.17 3.12
N ALA B 1072 28.86 11.42 3.06
CA ALA B 1072 28.73 12.10 1.78
C ALA B 1072 30.09 12.32 1.13
N PHE B 1073 31.09 12.72 1.92
CA PHE B 1073 32.41 12.98 1.35
C PHE B 1073 33.03 11.72 0.76
N ASN B 1074 32.90 10.59 1.45
CA ASN B 1074 33.45 9.34 0.94
C ASN B 1074 32.77 8.94 -0.37
N ILE B 1075 31.44 9.10 -0.45
CA ILE B 1075 30.73 8.77 -1.67
C ILE B 1075 31.18 9.67 -2.81
N LEU B 1076 31.31 10.97 -2.54
CA LEU B 1076 31.76 11.89 -3.57
C LEU B 1076 33.19 11.59 -3.99
N THR B 1077 34.06 11.21 -3.04
CA THR B 1077 35.42 10.85 -3.40
C THR B 1077 35.44 9.66 -4.35
N ARG B 1078 34.63 8.65 -4.06
CA ARG B 1078 34.53 7.50 -4.96
C ARG B 1078 33.95 7.89 -6.31
N LEU B 1079 33.00 8.82 -6.33
CA LEU B 1079 32.42 9.26 -7.59
C LEU B 1079 33.48 9.91 -8.48
N LEU B 1080 34.35 10.72 -7.88
CA LEU B 1080 35.43 11.35 -8.62
C LEU B 1080 36.63 10.41 -8.74
ZN ZN E . 41.10 10.44 8.71
#